data_4B8E
#
_entry.id   4B8E
#
_cell.length_a   58.149
_cell.length_b   73.561
_cell.length_c   91.009
_cell.angle_alpha   90.00
_cell.angle_beta   90.00
_cell.angle_gamma   90.00
#
_symmetry.space_group_name_H-M   'P 2 21 21'
#
loop_
_entity.id
_entity.type
_entity.pdbx_description
1 polymer 'E3 UBIQUITIN/ISG15 LIGASE TRIM25'
2 non-polymer 'CHLORIDE ION'
3 non-polymer 1,2-ETHANEDIOL
4 water water
#
_entity_poly.entity_id   1
_entity_poly.type   'polypeptide(L)'
_entity_poly.pdbx_seq_one_letter_code
;GVKAKVLENFLTKSRTELLEYFVKVIFDYNTAHNKVSLSNKYTTASVSDGLQHYRSHPQRFTYCSQVLGLHCYKNGIHYW
EVELQKNNFCGVGICYGSMERQGPESRLGRNPNSWCVEWFNNKISAWHNNVEKTLPSTKATRVGVLLNCDHGFVIFFAVT
EKVHLMYKFKVDFTEALYPAFWVFSAGTTLSICSK
;
_entity_poly.pdbx_strand_id   A,B
#
loop_
_chem_comp.id
_chem_comp.type
_chem_comp.name
_chem_comp.formula
CL non-polymer 'CHLORIDE ION' 'Cl -1'
EDO non-polymer 1,2-ETHANEDIOL 'C2 H6 O2'
#
# COMPACT_ATOMS: atom_id res chain seq x y z
N GLY A 1 -18.42 13.36 -15.87
CA GLY A 1 -18.46 14.44 -16.84
C GLY A 1 -17.50 15.57 -16.51
N VAL A 2 -17.34 15.84 -15.22
CA VAL A 2 -16.44 16.88 -14.74
C VAL A 2 -14.97 16.43 -14.79
N LYS A 3 -14.75 15.16 -15.09
CA LYS A 3 -13.39 14.65 -15.25
C LYS A 3 -12.72 15.36 -16.42
N ALA A 4 -13.47 15.51 -17.52
CA ALA A 4 -12.97 16.20 -18.70
C ALA A 4 -12.49 17.59 -18.33
N LYS A 5 -13.27 18.28 -17.50
CA LYS A 5 -12.93 19.64 -17.10
C LYS A 5 -11.63 19.70 -16.33
N VAL A 6 -11.46 18.81 -15.37
CA VAL A 6 -10.24 18.77 -14.58
C VAL A 6 -9.04 18.42 -15.46
N LEU A 7 -9.22 17.44 -16.34
CA LEU A 7 -8.16 17.05 -17.27
C LEU A 7 -7.73 18.24 -18.10
N GLU A 8 -8.70 18.94 -18.68
CA GLU A 8 -8.39 20.12 -19.49
C GLU A 8 -7.60 21.18 -18.72
N ASN A 9 -7.95 21.40 -17.46
CA ASN A 9 -7.20 22.31 -16.60
C ASN A 9 -5.74 21.86 -16.42
N PHE A 10 -5.54 20.59 -16.16
CA PHE A 10 -4.19 20.08 -15.95
C PHE A 10 -3.34 20.10 -17.23
N LEU A 11 -3.99 19.95 -18.39
CA LEU A 11 -3.25 19.95 -19.64
C LEU A 11 -2.70 21.33 -19.95
N THR A 12 -3.24 22.34 -19.29
CA THR A 12 -2.82 23.72 -19.53
C THR A 12 -1.94 24.27 -18.42
N LYS A 13 -1.62 23.45 -17.42
CA LYS A 13 -0.80 23.91 -16.31
C LYS A 13 0.68 24.05 -16.71
N SER A 14 1.34 25.06 -16.16
CA SER A 14 2.77 25.24 -16.36
C SER A 14 3.52 24.28 -15.46
N ARG A 15 4.82 24.17 -15.68
CA ARG A 15 5.67 23.31 -14.84
C ARG A 15 5.62 23.75 -13.38
N THR A 16 5.63 25.06 -13.14
CA THR A 16 5.56 25.57 -11.78
C THR A 16 4.27 25.09 -11.10
N GLU A 17 3.16 25.15 -11.85
CA GLU A 17 1.87 24.70 -11.34
C GLU A 17 1.83 23.21 -11.07
N LEU A 18 2.44 22.41 -11.95
CA LEU A 18 2.48 20.97 -11.76
C LEU A 18 3.34 20.61 -10.55
N LEU A 19 4.40 21.38 -10.34
CA LEU A 19 5.29 21.12 -9.20
C LEU A 19 4.63 21.31 -7.82
N GLU A 20 3.45 21.94 -7.78
CA GLU A 20 2.71 22.02 -6.51
C GLU A 20 2.30 20.62 -6.03
N TYR A 21 2.30 19.66 -6.95
CA TYR A 21 1.95 18.26 -6.66
C TYR A 21 3.17 17.35 -6.62
N PHE A 22 4.35 17.94 -6.62
CA PHE A 22 5.59 17.15 -6.61
C PHE A 22 5.60 16.11 -5.50
N VAL A 23 6.06 14.91 -5.85
CA VAL A 23 6.30 13.85 -4.88
C VAL A 23 7.72 13.37 -5.03
N LYS A 24 8.35 12.97 -3.93
CA LYS A 24 9.70 12.43 -4.01
C LYS A 24 9.67 10.92 -4.25
N VAL A 25 10.15 10.49 -5.43
CA VAL A 25 10.14 9.08 -5.79
C VAL A 25 11.53 8.47 -5.51
N ILE A 26 11.55 7.27 -4.94
CA ILE A 26 12.80 6.52 -4.83
C ILE A 26 12.58 5.11 -5.33
N PHE A 27 13.62 4.56 -5.95
CA PHE A 27 13.51 3.24 -6.56
C PHE A 27 13.47 2.20 -5.45
N ASP A 28 12.60 1.21 -5.61
CA ASP A 28 12.40 0.14 -4.63
C ASP A 28 13.34 -1.03 -4.89
N TYR A 29 14.32 -1.17 -3.99
CA TYR A 29 15.27 -2.28 -4.04
C TYR A 29 14.63 -3.64 -4.28
N ASN A 30 13.48 -3.88 -3.66
CA ASN A 30 12.91 -5.23 -3.79
C ASN A 30 12.19 -5.52 -5.10
N THR A 31 12.05 -4.52 -5.96
CA THR A 31 11.45 -4.75 -7.27
C THR A 31 12.48 -4.87 -8.40
N ALA A 32 13.70 -4.38 -8.18
CA ALA A 32 14.64 -4.24 -9.30
C ALA A 32 15.01 -5.58 -9.95
N HIS A 33 14.94 -5.64 -11.27
CA HIS A 33 15.43 -6.81 -11.99
C HIS A 33 16.95 -6.89 -11.75
N ASN A 34 17.52 -8.10 -11.76
CA ASN A 34 18.93 -8.24 -11.40
C ASN A 34 19.91 -7.63 -12.41
N LYS A 35 19.39 -7.13 -13.53
CA LYS A 35 20.23 -6.38 -14.45
C LYS A 35 20.18 -4.87 -14.16
N VAL A 36 19.42 -4.48 -13.14
CA VAL A 36 19.24 -3.08 -12.82
C VAL A 36 19.91 -2.73 -11.49
N SER A 37 20.89 -1.83 -11.54
CA SER A 37 21.62 -1.36 -10.37
C SER A 37 21.02 -0.05 -9.85
N LEU A 38 20.91 0.11 -8.54
CA LEU A 38 20.40 1.34 -7.95
C LEU A 38 21.52 2.09 -7.27
N SER A 39 21.56 3.41 -7.48
CA SER A 39 22.60 4.21 -6.84
C SER A 39 22.08 5.58 -6.47
N ASN A 40 22.98 6.40 -5.94
CA ASN A 40 22.67 7.79 -5.61
C ASN A 40 21.48 7.91 -4.66
N LYS A 41 21.57 7.24 -3.52
CA LYS A 41 20.48 7.20 -2.55
C LYS A 41 19.15 6.79 -3.20
N TYR A 42 19.22 5.73 -4.00
CA TYR A 42 18.04 5.12 -4.63
C TYR A 42 17.32 6.06 -5.62
N THR A 43 18.05 7.00 -6.21
CA THR A 43 17.44 7.91 -7.18
C THR A 43 18.00 7.73 -8.59
N THR A 44 18.94 6.79 -8.77
CA THR A 44 19.46 6.50 -10.11
C THR A 44 19.36 5.00 -10.36
N ALA A 45 18.91 4.63 -11.55
CA ALA A 45 18.78 3.23 -11.92
C ALA A 45 19.54 3.04 -13.23
N SER A 46 20.42 2.04 -13.27
CA SER A 46 21.25 1.83 -14.46
C SER A 46 21.31 0.36 -14.84
N VAL A 47 21.55 0.11 -16.11
CA VAL A 47 21.77 -1.25 -16.56
C VAL A 47 23.16 -1.68 -16.11
N SER A 48 23.24 -2.76 -15.35
CA SER A 48 24.54 -3.19 -14.83
C SER A 48 25.23 -4.13 -15.82
N ASP A 49 26.56 -4.12 -15.84
CA ASP A 49 27.29 -4.99 -16.75
C ASP A 49 26.98 -6.45 -16.41
N GLY A 50 27.26 -6.82 -15.17
CA GLY A 50 27.00 -8.15 -14.65
C GLY A 50 25.78 -8.12 -13.75
N LEU A 51 25.38 -9.29 -13.25
CA LEU A 51 24.14 -9.39 -12.47
C LEU A 51 24.30 -8.87 -11.04
N GLN A 52 23.31 -8.13 -10.57
CA GLN A 52 23.24 -7.68 -9.18
C GLN A 52 23.01 -8.88 -8.25
N HIS A 53 23.27 -8.70 -6.97
CA HIS A 53 23.26 -9.79 -6.01
C HIS A 53 21.88 -10.10 -5.42
N TYR A 54 20.85 -9.43 -5.90
CA TYR A 54 19.53 -9.49 -5.27
C TYR A 54 19.04 -10.91 -5.03
N ARG A 55 18.43 -11.13 -3.87
CA ARG A 55 17.73 -12.38 -3.61
C ARG A 55 16.34 -12.33 -4.25
N SER A 56 15.76 -13.49 -4.50
CA SER A 56 14.42 -13.51 -5.09
C SER A 56 13.41 -12.90 -4.10
N HIS A 57 12.35 -12.31 -4.64
CA HIS A 57 11.36 -11.62 -3.81
C HIS A 57 10.09 -11.59 -4.63
N PRO A 58 8.93 -11.74 -3.98
CA PRO A 58 7.70 -11.80 -4.78
C PRO A 58 7.42 -10.51 -5.57
N GLN A 59 7.98 -9.38 -5.15
CA GLN A 59 7.76 -8.12 -5.86
C GLN A 59 8.78 -7.88 -6.97
N ARG A 60 9.76 -8.77 -7.10
CA ARG A 60 10.90 -8.50 -8.00
C ARG A 60 10.62 -8.92 -9.44
N PHE A 61 10.94 -8.04 -10.37
CA PHE A 61 10.84 -8.36 -11.80
C PHE A 61 11.88 -9.39 -12.18
N THR A 62 11.46 -10.44 -12.89
CA THR A 62 12.40 -11.49 -13.27
C THR A 62 12.43 -11.76 -14.76
N TYR A 63 11.70 -10.98 -15.54
CA TYR A 63 11.63 -11.19 -16.99
C TYR A 63 12.07 -9.95 -17.77
N CYS A 64 11.79 -8.78 -17.20
CA CYS A 64 12.02 -7.49 -17.85
C CYS A 64 12.89 -6.63 -16.95
N SER A 65 13.77 -5.82 -17.57
CA SER A 65 14.70 -5.00 -16.80
CA SER A 65 14.71 -4.99 -16.83
C SER A 65 14.00 -3.75 -16.27
N GLN A 66 13.21 -3.96 -15.23
CA GLN A 66 12.32 -2.91 -14.71
C GLN A 66 12.53 -2.71 -13.22
N VAL A 67 11.96 -1.63 -12.70
CA VAL A 67 12.01 -1.32 -11.27
C VAL A 67 10.85 -0.38 -11.01
N LEU A 68 10.30 -0.42 -9.79
CA LEU A 68 9.20 0.47 -9.43
C LEU A 68 9.66 1.46 -8.36
N GLY A 69 8.88 2.53 -8.20
CA GLY A 69 9.00 3.40 -7.03
C GLY A 69 8.55 2.66 -5.77
N LEU A 70 9.06 3.13 -4.63
CA LEU A 70 8.78 2.47 -3.35
C LEU A 70 7.37 2.77 -2.86
N HIS A 71 6.92 4.00 -3.07
CA HIS A 71 5.60 4.40 -2.59
C HIS A 71 4.55 4.30 -3.67
N CYS A 72 3.35 3.86 -3.30
CA CYS A 72 2.22 3.93 -4.24
C CYS A 72 1.29 5.09 -3.88
N TYR A 73 0.41 5.42 -4.83
CA TYR A 73 -0.48 6.57 -4.74
C TYR A 73 -1.92 6.12 -5.01
N LYS A 74 -2.76 6.34 -4.01
CA LYS A 74 -4.12 5.84 -3.99
C LYS A 74 -5.15 6.97 -4.15
N ASN A 75 -4.82 8.13 -3.60
CA ASN A 75 -5.69 9.29 -3.64
C ASN A 75 -4.87 10.54 -3.95
N GLY A 76 -5.55 11.59 -4.40
CA GLY A 76 -4.86 12.85 -4.65
C GLY A 76 -4.13 12.92 -5.98
N ILE A 77 -3.25 13.91 -6.10
CA ILE A 77 -2.59 14.22 -7.35
C ILE A 77 -1.09 14.26 -7.12
N HIS A 78 -0.31 13.71 -8.06
CA HIS A 78 1.11 13.52 -7.83
C HIS A 78 1.89 13.80 -9.11
N TYR A 79 3.04 14.45 -8.98
CA TYR A 79 3.87 14.81 -10.13
C TYR A 79 5.32 14.46 -9.86
N TRP A 80 6.01 13.81 -10.80
CA TRP A 80 7.44 13.62 -10.66
C TRP A 80 8.11 13.69 -12.02
N GLU A 81 9.42 13.92 -12.01
CA GLU A 81 10.20 14.01 -13.25
C GLU A 81 11.36 13.02 -13.27
N VAL A 82 11.70 12.58 -14.48
CA VAL A 82 12.75 11.59 -14.66
C VAL A 82 13.70 12.09 -15.74
N GLU A 83 15.01 12.11 -15.44
CA GLU A 83 16.00 12.49 -16.45
C GLU A 83 16.56 11.25 -17.15
N LEU A 84 16.50 11.25 -18.48
CA LEU A 84 16.99 10.12 -19.27
C LEU A 84 18.36 10.48 -19.85
N GLN A 85 19.21 9.48 -20.01
CA GLN A 85 20.48 9.72 -20.70
C GLN A 85 20.23 9.71 -22.21
N LYS A 86 20.76 10.71 -22.90
CA LYS A 86 20.57 10.83 -24.34
C LYS A 86 20.69 9.47 -25.05
N ASN A 87 19.72 9.17 -25.91
CA ASN A 87 19.77 8.01 -26.79
C ASN A 87 19.53 6.64 -26.15
N ASN A 88 19.26 6.61 -24.84
CA ASN A 88 19.00 5.34 -24.15
C ASN A 88 17.66 4.69 -24.56
N PHE A 89 17.59 3.37 -24.46
CA PHE A 89 16.32 2.63 -24.58
C PHE A 89 15.74 2.55 -23.17
N CYS A 90 14.58 3.18 -22.94
CA CYS A 90 14.08 3.24 -21.58
C CYS A 90 12.61 3.54 -21.58
N GLY A 91 11.96 3.39 -20.43
CA GLY A 91 10.53 3.62 -20.35
C GLY A 91 10.16 4.20 -19.00
N VAL A 92 9.13 5.05 -18.98
CA VAL A 92 8.69 5.74 -17.76
C VAL A 92 7.17 5.63 -17.72
N GLY A 93 6.62 5.14 -16.62
CA GLY A 93 5.18 5.00 -16.55
C GLY A 93 4.63 4.81 -15.15
N ILE A 94 3.46 4.17 -15.08
CA ILE A 94 2.84 3.84 -13.81
C ILE A 94 2.25 2.45 -13.91
N CYS A 95 2.10 1.76 -12.79
CA CYS A 95 1.42 0.47 -12.80
C CYS A 95 0.71 0.17 -11.49
N TYR A 96 -0.29 -0.71 -11.55
CA TYR A 96 -0.90 -1.26 -10.33
C TYR A 96 0.07 -2.21 -9.64
N GLY A 97 -0.04 -2.32 -8.33
CA GLY A 97 0.77 -3.30 -7.62
C GLY A 97 0.46 -4.72 -8.06
N SER A 98 -0.74 -4.96 -8.55
CA SER A 98 -1.14 -6.30 -8.99
C SER A 98 -0.57 -6.67 -10.37
N MET A 99 0.18 -5.77 -10.99
CA MET A 99 0.85 -6.12 -12.26
C MET A 99 1.78 -7.30 -12.01
N GLU A 100 1.79 -8.25 -12.95
CA GLU A 100 2.69 -9.41 -12.87
C GLU A 100 4.14 -8.99 -12.80
N ARG A 101 4.96 -9.79 -12.12
CA ARG A 101 6.38 -9.52 -11.99
C ARG A 101 7.21 -10.54 -12.80
N GLN A 102 6.59 -11.67 -13.16
CA GLN A 102 7.24 -12.69 -13.98
C GLN A 102 6.61 -12.69 -15.37
N GLY A 103 7.34 -13.22 -16.35
CA GLY A 103 6.77 -13.52 -17.65
C GLY A 103 6.55 -12.30 -18.54
N PRO A 104 6.20 -12.53 -19.81
CA PRO A 104 5.99 -11.42 -20.74
C PRO A 104 4.90 -10.45 -20.30
N GLU A 105 3.93 -10.92 -19.52
CA GLU A 105 2.88 -10.04 -19.00
C GLU A 105 3.37 -8.97 -18.02
N SER A 106 4.59 -9.11 -17.53
CA SER A 106 5.15 -8.14 -16.58
C SER A 106 5.68 -6.90 -17.27
N ARG A 107 5.75 -6.94 -18.60
CA ARG A 107 6.36 -5.83 -19.33
C ARG A 107 5.48 -4.59 -19.30
N LEU A 108 6.06 -3.47 -18.87
CA LEU A 108 5.34 -2.20 -18.71
C LEU A 108 4.63 -1.80 -20.01
N GLY A 109 3.32 -1.55 -19.92
CA GLY A 109 2.54 -1.12 -21.07
C GLY A 109 1.98 -2.25 -21.93
N ARG A 110 2.45 -3.48 -21.70
CA ARG A 110 1.99 -4.63 -22.46
C ARG A 110 0.88 -5.41 -21.75
N ASN A 111 0.24 -4.78 -20.77
CA ASN A 111 -0.82 -5.42 -20.01
C ASN A 111 -1.83 -4.35 -19.58
N PRO A 112 -2.99 -4.75 -19.04
CA PRO A 112 -4.00 -3.74 -18.68
C PRO A 112 -3.71 -3.02 -17.36
N ASN A 113 -2.57 -3.33 -16.76
CA ASN A 113 -2.25 -2.86 -15.42
C ASN A 113 -1.19 -1.77 -15.40
N SER A 114 -0.83 -1.25 -16.57
CA SER A 114 0.24 -0.27 -16.65
C SER A 114 0.11 0.62 -17.88
N TRP A 115 0.71 1.79 -17.78
CA TRP A 115 0.67 2.81 -18.81
C TRP A 115 2.05 3.41 -18.87
N CYS A 116 2.59 3.60 -20.07
CA CYS A 116 3.92 4.20 -20.12
C CYS A 116 4.23 4.91 -21.42
N VAL A 117 5.31 5.69 -21.40
N VAL A 117 5.30 5.70 -21.40
CA VAL A 117 5.94 6.20 -22.60
CA VAL A 117 5.92 6.17 -22.62
C VAL A 117 7.34 5.60 -22.69
C VAL A 117 7.32 5.55 -22.69
N GLU A 118 7.77 5.26 -23.90
CA GLU A 118 8.97 4.46 -24.07
C GLU A 118 9.81 4.95 -25.25
N TRP A 119 11.12 5.02 -25.03
CA TRP A 119 12.09 5.30 -26.09
C TRP A 119 12.72 3.99 -26.52
N PHE A 120 12.52 3.60 -27.77
CA PHE A 120 13.07 2.34 -28.26
C PHE A 120 13.23 2.36 -29.78
N ASN A 121 14.39 1.90 -30.23
CA ASN A 121 14.64 1.79 -31.66
C ASN A 121 14.38 3.13 -32.38
N ASN A 122 14.80 4.21 -31.73
CA ASN A 122 14.70 5.55 -32.32
C ASN A 122 13.29 6.11 -32.40
N LYS A 123 12.33 5.45 -31.76
CA LYS A 123 10.98 5.95 -31.74
C LYS A 123 10.59 6.28 -30.31
N ILE A 124 9.55 7.10 -30.17
CA ILE A 124 8.93 7.35 -28.87
C ILE A 124 7.48 6.88 -28.99
N SER A 125 7.03 6.06 -28.04
CA SER A 125 5.70 5.46 -28.14
C SER A 125 4.98 5.53 -26.80
N ALA A 126 3.65 5.63 -26.84
CA ALA A 126 2.85 5.43 -25.64
C ALA A 126 2.27 4.03 -25.66
N TRP A 127 2.28 3.34 -24.52
CA TRP A 127 1.78 1.98 -24.43
C TRP A 127 0.77 1.82 -23.31
N HIS A 128 -0.30 1.07 -23.60
CA HIS A 128 -1.21 0.55 -22.59
C HIS A 128 -1.91 -0.67 -23.15
N ASN A 129 -2.02 -1.71 -22.33
CA ASN A 129 -2.78 -2.90 -22.70
C ASN A 129 -2.28 -3.52 -24.00
N ASN A 130 -0.98 -3.43 -24.24
CA ASN A 130 -0.33 -4.04 -25.40
C ASN A 130 -0.70 -3.35 -26.71
N VAL A 131 -1.13 -2.10 -26.60
CA VAL A 131 -1.41 -1.25 -27.75
C VAL A 131 -0.44 -0.08 -27.74
N GLU A 132 0.24 0.11 -28.86
CA GLU A 132 1.31 1.10 -28.97
C GLU A 132 0.86 2.21 -29.90
N LYS A 133 1.23 3.44 -29.56
CA LYS A 133 0.96 4.58 -30.43
C LYS A 133 2.24 5.36 -30.60
N THR A 134 2.73 5.52 -31.83
CA THR A 134 3.98 6.25 -32.04
C THR A 134 3.74 7.75 -31.82
N LEU A 135 4.63 8.39 -31.06
CA LEU A 135 4.51 9.82 -30.79
C LEU A 135 5.47 10.64 -31.65
N PRO A 136 5.21 11.93 -31.82
CA PRO A 136 6.18 12.76 -32.53
C PRO A 136 7.51 12.80 -31.80
N SER A 137 8.61 12.83 -32.57
CA SER A 137 9.94 12.82 -32.00
C SER A 137 10.18 14.12 -31.25
N THR A 138 11.08 14.07 -30.27
CA THR A 138 11.51 15.26 -29.53
C THR A 138 12.90 14.97 -28.98
N LYS A 139 13.69 16.02 -28.80
CA LYS A 139 15.03 15.87 -28.25
C LYS A 139 15.01 15.98 -26.72
N ALA A 140 13.84 16.21 -26.13
CA ALA A 140 13.74 16.28 -24.66
C ALA A 140 14.39 15.08 -24.01
N THR A 141 15.08 15.31 -22.89
CA THR A 141 15.65 14.20 -22.13
C THR A 141 15.07 14.14 -20.72
N ARG A 142 13.99 14.86 -20.50
CA ARG A 142 13.30 14.78 -19.22
C ARG A 142 11.80 14.56 -19.43
N VAL A 143 11.22 13.67 -18.64
CA VAL A 143 9.79 13.40 -18.72
C VAL A 143 9.12 13.70 -17.38
N GLY A 144 7.94 14.30 -17.42
CA GLY A 144 7.18 14.55 -16.21
C GLY A 144 5.91 13.71 -16.26
N VAL A 145 5.56 13.13 -15.12
CA VAL A 145 4.37 12.31 -15.01
C VAL A 145 3.41 12.97 -14.04
N LEU A 146 2.21 13.28 -14.51
CA LEU A 146 1.17 13.85 -13.64
C LEU A 146 0.09 12.79 -13.46
N LEU A 147 -0.04 12.32 -12.24
CA LEU A 147 -1.00 11.26 -11.93
C LEU A 147 -2.13 11.86 -11.10
N ASN A 148 -3.36 11.75 -11.60
CA ASN A 148 -4.51 12.25 -10.86
C ASN A 148 -5.39 11.07 -10.46
N CYS A 149 -5.29 10.67 -9.19
CA CYS A 149 -5.98 9.51 -8.68
C CYS A 149 -7.48 9.74 -8.52
N ASP A 150 -7.84 10.98 -8.26
CA ASP A 150 -9.21 11.34 -7.92
C ASP A 150 -10.13 11.41 -9.12
N HIS A 151 -9.68 12.09 -10.17
CA HIS A 151 -10.49 12.25 -11.37
C HIS A 151 -10.07 11.31 -12.51
N GLY A 152 -9.11 10.44 -12.22
CA GLY A 152 -8.79 9.29 -13.06
C GLY A 152 -8.08 9.57 -14.37
N PHE A 153 -6.85 10.07 -14.29
CA PHE A 153 -6.03 10.20 -15.50
C PHE A 153 -4.54 10.31 -15.20
N VAL A 154 -3.72 10.05 -16.22
CA VAL A 154 -2.28 10.26 -16.13
C VAL A 154 -1.83 11.02 -17.35
N ILE A 155 -0.93 11.97 -17.15
CA ILE A 155 -0.39 12.76 -18.26
C ILE A 155 1.12 12.60 -18.29
N PHE A 156 1.65 12.37 -19.49
CA PHE A 156 3.07 12.33 -19.71
C PHE A 156 3.51 13.60 -20.44
N PHE A 157 4.47 14.31 -19.88
CA PHE A 157 4.97 15.56 -20.44
C PHE A 157 6.45 15.44 -20.81
N ALA A 158 6.83 16.06 -21.91
CA ALA A 158 8.25 16.23 -22.21
C ALA A 158 8.68 17.53 -21.54
N VAL A 159 9.76 17.49 -20.79
CA VAL A 159 10.18 18.70 -20.08
C VAL A 159 11.45 19.27 -20.69
N THR A 160 11.34 20.47 -21.24
CA THR A 160 12.49 21.20 -21.79
C THR A 160 12.47 22.59 -21.16
N GLU A 161 12.31 23.61 -21.99
CA GLU A 161 12.13 24.95 -21.44
C GLU A 161 10.84 24.95 -20.62
N LYS A 162 9.77 24.45 -21.23
CA LYS A 162 8.49 24.29 -20.55
C LYS A 162 8.07 22.83 -20.60
N VAL A 163 6.86 22.53 -20.13
CA VAL A 163 6.30 21.20 -20.34
C VAL A 163 5.55 21.18 -21.66
N HIS A 164 5.66 20.07 -22.37
CA HIS A 164 4.92 19.86 -23.62
C HIS A 164 4.23 18.53 -23.48
N LEU A 165 2.95 18.47 -23.80
CA LEU A 165 2.23 17.20 -23.73
C LEU A 165 2.80 16.11 -24.65
N MET A 166 3.07 14.92 -24.11
CA MET A 166 3.41 13.78 -24.97
C MET A 166 2.17 12.90 -25.22
N TYR A 167 1.49 12.52 -24.14
CA TYR A 167 0.32 11.67 -24.25
C TYR A 167 -0.40 11.64 -22.91
N LYS A 168 -1.69 11.32 -22.93
CA LYS A 168 -2.47 11.20 -21.71
C LYS A 168 -3.39 10.00 -21.81
N PHE A 169 -3.75 9.42 -20.67
CA PHE A 169 -4.72 8.33 -20.59
C PHE A 169 -5.77 8.64 -19.53
N LYS A 170 -7.04 8.47 -19.88
CA LYS A 170 -8.14 8.53 -18.92
C LYS A 170 -8.46 7.12 -18.42
N VAL A 171 -8.54 6.97 -17.11
CA VAL A 171 -8.74 5.66 -16.48
C VAL A 171 -9.46 5.84 -15.15
N ASP A 172 -10.48 5.03 -14.90
CA ASP A 172 -11.00 4.92 -13.55
C ASP A 172 -10.15 3.89 -12.80
N PHE A 173 -9.10 4.35 -12.15
CA PHE A 173 -8.12 3.45 -11.54
C PHE A 173 -8.77 2.56 -10.49
N THR A 174 -8.36 1.30 -10.43
CA THR A 174 -9.03 0.32 -9.56
C THR A 174 -8.20 -0.04 -8.33
N GLU A 175 -6.95 0.42 -8.29
CA GLU A 175 -6.10 0.28 -7.11
C GLU A 175 -4.98 1.29 -7.21
N ALA A 176 -4.13 1.37 -6.18
CA ALA A 176 -3.06 2.36 -6.15
C ALA A 176 -2.06 2.16 -7.29
N LEU A 177 -1.41 3.26 -7.69
CA LEU A 177 -0.38 3.25 -8.76
C LEU A 177 1.02 3.41 -8.19
N TYR A 178 1.99 2.73 -8.79
CA TYR A 178 3.40 2.95 -8.48
C TYR A 178 4.06 3.56 -9.70
N PRO A 179 5.01 4.48 -9.49
CA PRO A 179 5.88 4.86 -10.62
C PRO A 179 6.61 3.62 -11.10
N ALA A 180 6.81 3.50 -12.42
CA ALA A 180 7.37 2.29 -13.00
C ALA A 180 8.38 2.72 -14.07
N PHE A 181 9.43 1.92 -14.26
CA PHE A 181 10.57 2.29 -15.10
C PHE A 181 11.13 1.07 -15.80
N TRP A 182 11.63 1.29 -17.01
CA TRP A 182 12.29 0.25 -17.78
C TRP A 182 13.61 0.85 -18.27
N VAL A 183 14.69 0.06 -18.16
CA VAL A 183 15.98 0.46 -18.71
C VAL A 183 16.58 -0.73 -19.45
N PHE A 184 17.23 -0.48 -20.58
CA PHE A 184 17.77 -1.58 -21.37
C PHE A 184 19.05 -1.21 -22.09
N SER A 185 19.97 -2.17 -22.18
CA SER A 185 21.21 -1.99 -22.94
C SER A 185 22.31 -1.32 -22.11
N ALA A 186 23.54 -1.80 -22.28
CA ALA A 186 24.67 -1.30 -21.50
C ALA A 186 24.72 0.22 -21.49
N GLY A 187 25.00 0.81 -20.33
CA GLY A 187 25.17 2.24 -20.23
C GLY A 187 23.90 3.02 -19.94
N THR A 188 22.75 2.39 -20.18
CA THR A 188 21.50 3.10 -20.00
C THR A 188 21.30 3.42 -18.53
N THR A 189 20.88 4.66 -18.25
CA THR A 189 20.69 5.13 -16.89
C THR A 189 19.58 6.16 -16.89
N LEU A 190 18.81 6.18 -15.81
CA LEU A 190 17.85 7.26 -15.63
C LEU A 190 17.79 7.64 -14.16
N SER A 191 17.44 8.89 -13.91
CA SER A 191 17.50 9.41 -12.57
C SER A 191 16.23 10.15 -12.22
N ILE A 192 15.84 10.07 -10.96
CA ILE A 192 14.70 10.84 -10.46
C ILE A 192 15.21 12.27 -10.19
N CYS A 193 14.57 13.27 -10.80
CA CYS A 193 14.98 14.66 -10.60
C CYS A 193 14.59 15.24 -9.23
N SER A 194 15.42 16.17 -8.75
CA SER A 194 15.17 16.83 -7.46
C SER A 194 14.07 17.88 -7.59
N VAL B 2 -18.80 -0.05 -7.80
CA VAL B 2 -18.59 -1.49 -7.70
C VAL B 2 -17.99 -1.89 -6.36
N LYS B 3 -17.81 -0.92 -5.48
CA LYS B 3 -17.43 -1.24 -4.11
C LYS B 3 -18.51 -2.16 -3.57
N ALA B 4 -19.75 -1.86 -3.93
CA ALA B 4 -20.90 -2.64 -3.50
C ALA B 4 -20.71 -4.12 -3.80
N LYS B 5 -20.46 -4.44 -5.07
CA LYS B 5 -20.37 -5.83 -5.51
C LYS B 5 -19.17 -6.52 -4.86
N VAL B 6 -18.06 -5.80 -4.73
CA VAL B 6 -16.86 -6.37 -4.13
C VAL B 6 -17.10 -6.68 -2.65
N LEU B 7 -17.69 -5.74 -1.93
CA LEU B 7 -17.97 -5.95 -0.51
C LEU B 7 -18.92 -7.13 -0.32
N GLU B 8 -19.90 -7.26 -1.22
CA GLU B 8 -20.85 -8.36 -1.16
C GLU B 8 -20.14 -9.70 -1.35
N ASN B 9 -19.22 -9.75 -2.31
CA ASN B 9 -18.44 -10.96 -2.54
C ASN B 9 -17.70 -11.41 -1.28
N PHE B 10 -17.00 -10.48 -0.64
CA PHE B 10 -16.21 -10.80 0.54
C PHE B 10 -17.03 -11.22 1.75
N LEU B 11 -18.19 -10.60 1.93
CA LEU B 11 -19.06 -10.93 3.05
C LEU B 11 -19.50 -12.40 3.00
N THR B 12 -19.49 -12.97 1.79
CA THR B 12 -19.99 -14.33 1.61
C THR B 12 -18.90 -15.32 1.25
N LYS B 13 -17.66 -15.01 1.63
CA LYS B 13 -16.55 -15.93 1.38
C LYS B 13 -16.39 -16.91 2.52
N SER B 14 -15.95 -18.11 2.19
CA SER B 14 -15.68 -19.14 3.19
C SER B 14 -14.32 -18.89 3.82
N ARG B 15 -14.09 -19.44 5.00
CA ARG B 15 -12.79 -19.30 5.64
C ARG B 15 -11.67 -19.68 4.67
N THR B 16 -11.88 -20.75 3.90
CA THR B 16 -10.88 -21.16 2.93
C THR B 16 -10.59 -20.04 1.93
N GLU B 17 -11.65 -19.38 1.48
CA GLU B 17 -11.49 -18.34 0.48
C GLU B 17 -10.76 -17.14 1.05
N LEU B 18 -11.09 -16.79 2.29
CA LEU B 18 -10.45 -15.66 2.97
C LEU B 18 -8.96 -15.89 3.22
N LEU B 19 -8.59 -17.15 3.44
CA LEU B 19 -7.20 -17.49 3.73
C LEU B 19 -6.31 -17.30 2.51
N GLU B 20 -6.92 -17.19 1.34
CA GLU B 20 -6.18 -16.84 0.13
C GLU B 20 -5.47 -15.51 0.30
N TYR B 21 -5.97 -14.69 1.22
CA TYR B 21 -5.39 -13.37 1.46
C TYR B 21 -4.57 -13.31 2.74
N PHE B 22 -4.30 -14.47 3.33
CA PHE B 22 -3.61 -14.53 4.62
C PHE B 22 -2.27 -13.78 4.60
N VAL B 23 -2.00 -13.06 5.69
CA VAL B 23 -0.70 -12.42 5.89
C VAL B 23 -0.20 -12.78 7.28
N LYS B 24 1.12 -12.79 7.44
CA LYS B 24 1.73 -13.09 8.73
C LYS B 24 1.83 -11.81 9.54
N VAL B 25 1.12 -11.76 10.65
CA VAL B 25 1.21 -10.62 11.54
C VAL B 25 2.10 -10.97 12.73
N ILE B 26 2.95 -10.04 13.13
CA ILE B 26 3.67 -10.17 14.38
C ILE B 26 3.61 -8.85 15.14
N PHE B 27 3.70 -8.92 16.47
CA PHE B 27 3.61 -7.73 17.30
C PHE B 27 4.88 -6.90 17.20
N ASP B 28 4.70 -5.59 17.25
CA ASP B 28 5.80 -4.62 17.18
C ASP B 28 6.26 -4.22 18.57
N TYR B 29 7.44 -4.69 18.96
CA TYR B 29 7.99 -4.42 20.27
C TYR B 29 8.00 -2.95 20.59
N ASN B 30 8.27 -2.12 19.58
CA ASN B 30 8.37 -0.67 19.82
C ASN B 30 7.07 0.00 20.24
N THR B 31 5.93 -0.67 20.04
CA THR B 31 4.63 -0.04 20.32
C THR B 31 4.00 -0.49 21.64
N ALA B 32 4.51 -1.57 22.22
CA ALA B 32 3.82 -2.20 23.36
C ALA B 32 3.80 -1.35 24.62
N HIS B 33 2.62 -1.24 25.23
CA HIS B 33 2.50 -0.58 26.53
C HIS B 33 3.23 -1.40 27.60
N ASN B 34 3.70 -0.73 28.65
CA ASN B 34 4.45 -1.38 29.73
C ASN B 34 3.74 -2.55 30.38
N LYS B 35 2.41 -2.57 30.27
CA LYS B 35 1.61 -3.64 30.87
C LYS B 35 1.46 -4.82 29.92
N VAL B 36 2.01 -4.70 28.72
CA VAL B 36 1.87 -5.76 27.72
C VAL B 36 3.18 -6.50 27.52
N SER B 37 3.14 -7.82 27.70
CA SER B 37 4.33 -8.63 27.42
C SER B 37 4.13 -9.42 26.14
N LEU B 38 5.21 -9.57 25.39
CA LEU B 38 5.19 -10.24 24.09
C LEU B 38 6.04 -11.49 24.19
N SER B 39 5.61 -12.55 23.51
CA SER B 39 6.31 -13.83 23.58
C SER B 39 6.03 -14.66 22.34
N ASN B 40 6.60 -15.87 22.31
CA ASN B 40 6.40 -16.79 21.21
C ASN B 40 6.79 -16.17 19.87
N LYS B 41 8.01 -15.66 19.80
CA LYS B 41 8.51 -15.02 18.59
C LYS B 41 7.53 -13.96 18.09
N TYR B 42 7.06 -13.15 19.03
CA TYR B 42 6.19 -12.00 18.74
C TYR B 42 4.83 -12.37 18.14
N THR B 43 4.30 -13.52 18.57
CA THR B 43 2.97 -13.94 18.11
C THR B 43 1.97 -14.00 19.25
N THR B 44 2.42 -13.72 20.47
CA THR B 44 1.54 -13.75 21.63
C THR B 44 1.70 -12.47 22.44
N ALA B 45 0.57 -11.89 22.85
CA ALA B 45 0.57 -10.69 23.69
C ALA B 45 -0.27 -10.93 24.94
N SER B 46 0.27 -10.56 26.09
CA SER B 46 -0.40 -10.85 27.36
C SER B 46 -0.29 -9.66 28.30
N VAL B 47 -1.26 -9.55 29.21
CA VAL B 47 -1.16 -8.60 30.30
C VAL B 47 -0.03 -9.08 31.22
N SER B 48 1.00 -8.25 31.33
CA SER B 48 2.22 -8.61 32.07
C SER B 48 1.90 -8.82 33.55
N ASP B 49 2.55 -9.82 34.15
CA ASP B 49 2.36 -10.08 35.59
C ASP B 49 2.83 -8.87 36.38
N GLY B 50 4.06 -8.45 36.13
CA GLY B 50 4.58 -7.22 36.67
C GLY B 50 4.88 -6.26 35.53
N LEU B 51 4.91 -4.97 35.83
CA LEU B 51 5.14 -3.93 34.82
C LEU B 51 6.47 -4.12 34.08
N GLN B 52 6.43 -4.12 32.75
CA GLN B 52 7.65 -4.08 31.96
C GLN B 52 8.23 -2.69 32.10
N HIS B 53 9.51 -2.54 31.81
CA HIS B 53 10.12 -1.23 31.75
C HIS B 53 10.77 -1.09 30.37
N TYR B 54 9.93 -0.96 29.35
CA TYR B 54 10.41 -0.82 27.99
C TYR B 54 11.08 0.53 27.79
N ARG B 55 12.08 0.57 26.92
CA ARG B 55 12.70 1.82 26.52
C ARG B 55 11.70 2.73 25.81
N SER B 56 11.71 4.00 26.15
CA SER B 56 10.76 4.93 25.54
C SER B 56 10.93 4.97 24.02
N HIS B 57 9.81 5.12 23.31
CA HIS B 57 9.81 5.21 21.85
C HIS B 57 8.60 6.06 21.46
N PRO B 58 8.76 6.96 20.48
CA PRO B 58 7.67 7.81 20.01
C PRO B 58 6.44 6.99 19.63
N GLN B 59 6.66 5.75 19.20
CA GLN B 59 5.58 4.88 18.76
C GLN B 59 4.91 4.10 19.89
N ARG B 60 5.47 4.15 21.10
CA ARG B 60 4.98 3.31 22.19
C ARG B 60 3.72 3.86 22.85
N PHE B 61 2.72 2.99 23.06
CA PHE B 61 1.54 3.38 23.84
C PHE B 61 1.90 3.60 25.29
N THR B 62 1.50 4.74 25.84
CA THR B 62 1.90 5.10 27.18
C THR B 62 0.71 5.16 28.14
N TYR B 63 -0.49 5.17 27.58
CA TYR B 63 -1.70 5.35 28.39
C TYR B 63 -2.58 4.10 28.42
N CYS B 64 -2.68 3.42 27.29
CA CYS B 64 -3.57 2.28 27.13
C CYS B 64 -2.75 1.01 26.85
N SER B 65 -3.19 -0.13 27.38
CA SER B 65 -2.43 -1.37 27.24
C SER B 65 -2.65 -1.99 25.87
N GLN B 66 -2.03 -1.37 24.87
CA GLN B 66 -2.20 -1.77 23.48
C GLN B 66 -0.86 -2.10 22.83
N VAL B 67 -0.92 -2.63 21.62
CA VAL B 67 0.25 -2.97 20.82
C VAL B 67 -0.23 -3.08 19.38
N LEU B 68 0.65 -2.78 18.43
CA LEU B 68 0.33 -2.88 17.02
C LEU B 68 1.11 -4.01 16.34
N GLY B 69 0.67 -4.39 15.15
CA GLY B 69 1.46 -5.27 14.30
C GLY B 69 2.62 -4.49 13.75
N LEU B 70 3.61 -5.21 13.23
CA LEU B 70 4.84 -4.63 12.71
C LEU B 70 4.63 -4.00 11.33
N HIS B 71 3.93 -4.71 10.44
CA HIS B 71 3.71 -4.23 9.08
C HIS B 71 2.40 -3.47 8.95
N CYS B 72 2.37 -2.47 8.09
CA CYS B 72 1.12 -1.78 7.77
C CYS B 72 0.78 -1.97 6.29
N TYR B 73 -0.47 -1.71 5.96
CA TYR B 73 -0.97 -2.03 4.62
C TYR B 73 -1.67 -0.82 4.01
N LYS B 74 -1.17 -0.39 2.85
CA LYS B 74 -1.76 0.78 2.18
C LYS B 74 -2.66 0.38 1.03
N ASN B 75 -2.22 -0.61 0.26
CA ASN B 75 -2.97 -1.19 -0.84
C ASN B 75 -3.08 -2.70 -0.68
N GLY B 76 -3.90 -3.34 -1.50
CA GLY B 76 -4.01 -4.78 -1.48
C GLY B 76 -5.09 -5.26 -0.53
N ILE B 77 -5.20 -6.58 -0.39
CA ILE B 77 -6.23 -7.21 0.42
C ILE B 77 -5.55 -8.21 1.34
N HIS B 78 -5.89 -8.17 2.62
CA HIS B 78 -5.14 -8.90 3.64
C HIS B 78 -6.04 -9.50 4.71
N TYR B 79 -5.72 -10.71 5.17
CA TYR B 79 -6.53 -11.42 6.16
C TYR B 79 -5.66 -12.04 7.23
N TRP B 80 -6.05 -11.85 8.49
CA TRP B 80 -5.34 -12.48 9.60
C TRP B 80 -6.30 -12.87 10.70
N GLU B 81 -5.89 -13.86 11.50
CA GLU B 81 -6.72 -14.36 12.59
C GLU B 81 -6.02 -14.23 13.93
N VAL B 82 -6.83 -14.09 14.97
CA VAL B 82 -6.34 -13.85 16.32
C VAL B 82 -7.09 -14.75 17.28
N GLU B 83 -6.34 -15.57 18.03
CA GLU B 83 -6.95 -16.48 18.99
C GLU B 83 -7.00 -15.85 20.38
N LEU B 84 -8.18 -15.85 20.98
CA LEU B 84 -8.37 -15.25 22.29
C LEU B 84 -8.63 -16.34 23.31
N GLN B 85 -8.18 -16.13 24.55
CA GLN B 85 -8.49 -17.05 25.63
C GLN B 85 -9.87 -16.74 26.18
N LYS B 86 -10.65 -17.77 26.46
CA LYS B 86 -12.00 -17.59 26.98
C LYS B 86 -12.03 -16.55 28.10
N ASN B 87 -13.08 -15.74 28.13
CA ASN B 87 -13.25 -14.71 29.15
C ASN B 87 -12.20 -13.59 29.09
N ASN B 88 -11.66 -13.33 27.91
CA ASN B 88 -10.75 -12.21 27.74
C ASN B 88 -11.47 -10.87 27.81
N PHE B 89 -10.75 -9.85 28.27
CA PHE B 89 -11.14 -8.47 28.04
C PHE B 89 -10.12 -7.90 27.07
N CYS B 90 -10.52 -7.67 25.83
CA CYS B 90 -9.56 -7.33 24.79
C CYS B 90 -10.20 -6.78 23.54
N GLY B 91 -9.38 -6.19 22.67
CA GLY B 91 -9.87 -5.65 21.42
C GLY B 91 -8.97 -6.05 20.26
N VAL B 92 -9.58 -6.23 19.10
CA VAL B 92 -8.84 -6.58 17.90
C VAL B 92 -9.30 -5.63 16.79
N GLY B 93 -8.37 -4.96 16.13
CA GLY B 93 -8.75 -4.01 15.12
C GLY B 93 -7.66 -3.56 14.18
N ILE B 94 -7.83 -2.34 13.66
CA ILE B 94 -6.86 -1.70 12.80
C ILE B 94 -6.76 -0.22 13.17
N CYS B 95 -5.62 0.41 12.85
CA CYS B 95 -5.51 1.84 13.04
C CYS B 95 -4.50 2.45 12.10
N TYR B 96 -4.64 3.75 11.87
CA TYR B 96 -3.64 4.51 11.14
C TYR B 96 -2.40 4.68 12.01
N GLY B 97 -1.23 4.74 11.39
CA GLY B 97 0.01 5.03 12.09
C GLY B 97 -0.07 6.35 12.84
N SER B 98 -0.78 7.32 12.27
CA SER B 98 -0.90 8.64 12.90
C SER B 98 -1.82 8.67 14.12
N MET B 99 -2.38 7.52 14.51
CA MET B 99 -3.20 7.48 15.71
C MET B 99 -2.35 7.90 16.91
N GLU B 100 -2.93 8.63 17.84
CA GLU B 100 -2.18 9.05 19.03
C GLU B 100 -1.66 7.84 19.82
N ARG B 101 -0.44 7.94 20.34
CA ARG B 101 0.11 6.87 21.16
C ARG B 101 0.02 7.21 22.65
N GLN B 102 -0.37 8.45 22.94
CA GLN B 102 -0.44 8.89 24.34
C GLN B 102 -1.81 9.45 24.70
N GLY B 103 -2.10 9.45 25.99
CA GLY B 103 -3.35 9.97 26.51
C GLY B 103 -4.58 9.18 26.10
N PRO B 104 -5.75 9.60 26.61
CA PRO B 104 -7.03 8.91 26.36
C PRO B 104 -7.37 8.82 24.89
N GLU B 105 -6.92 9.78 24.08
CA GLU B 105 -7.16 9.77 22.63
C GLU B 105 -6.47 8.62 21.90
N SER B 106 -5.63 7.88 22.62
CA SER B 106 -4.89 6.78 22.00
C SER B 106 -5.68 5.47 22.08
N ARG B 107 -6.78 5.49 22.82
CA ARG B 107 -7.57 4.29 23.02
C ARG B 107 -8.19 3.78 21.72
N LEU B 108 -7.94 2.52 21.41
CA LEU B 108 -8.43 1.90 20.19
C LEU B 108 -9.95 1.99 20.07
N GLY B 109 -10.42 2.50 18.94
CA GLY B 109 -11.84 2.60 18.69
C GLY B 109 -12.45 3.88 19.22
N ARG B 110 -11.69 4.59 20.04
CA ARG B 110 -12.20 5.81 20.67
C ARG B 110 -11.70 7.09 20.01
N ASN B 111 -11.31 6.97 18.74
CA ASN B 111 -10.84 8.11 17.97
C ASN B 111 -11.11 7.82 16.50
N PRO B 112 -10.95 8.82 15.61
CA PRO B 112 -11.33 8.58 14.21
C PRO B 112 -10.25 7.90 13.41
N ASN B 113 -9.23 7.39 14.08
CA ASN B 113 -8.07 6.81 13.42
C ASN B 113 -8.02 5.30 13.58
N SER B 114 -9.08 4.72 14.14
CA SER B 114 -9.05 3.28 14.40
C SER B 114 -10.45 2.66 14.42
N TRP B 115 -10.49 1.36 14.14
CA TRP B 115 -11.71 0.57 14.10
C TRP B 115 -11.44 -0.74 14.83
N CYS B 116 -12.36 -1.19 15.68
CA CYS B 116 -12.12 -2.44 16.36
C CYS B 116 -13.38 -3.14 16.85
N VAL B 117 -13.22 -4.41 17.17
CA VAL B 117 -14.21 -5.14 17.95
C VAL B 117 -13.62 -5.42 19.33
N GLU B 118 -14.46 -5.42 20.35
CA GLU B 118 -13.95 -5.45 21.72
C GLU B 118 -14.77 -6.35 22.63
N TRP B 119 -14.08 -7.10 23.48
CA TRP B 119 -14.72 -7.96 24.47
C TRP B 119 -14.57 -7.33 25.85
N PHE B 120 -15.69 -7.06 26.51
CA PHE B 120 -15.67 -6.44 27.83
C PHE B 120 -16.87 -6.90 28.66
N ASN B 121 -16.61 -7.69 29.70
CA ASN B 121 -17.67 -8.18 30.57
C ASN B 121 -18.69 -9.03 29.82
N ASN B 122 -18.20 -10.01 29.07
CA ASN B 122 -19.05 -10.90 28.28
C ASN B 122 -19.46 -10.33 26.92
N LYS B 123 -19.84 -9.06 26.90
CA LYS B 123 -20.41 -8.42 25.70
C LYS B 123 -19.38 -8.19 24.60
N ILE B 124 -19.85 -8.24 23.36
CA ILE B 124 -19.03 -7.90 22.20
C ILE B 124 -19.57 -6.63 21.55
N SER B 125 -18.68 -5.75 21.14
CA SER B 125 -19.09 -4.48 20.54
C SER B 125 -18.09 -3.97 19.52
N ALA B 126 -18.58 -3.21 18.55
CA ALA B 126 -17.72 -2.60 17.53
C ALA B 126 -17.55 -1.12 17.82
N TRP B 127 -16.32 -0.62 17.66
CA TRP B 127 -16.02 0.77 17.97
C TRP B 127 -15.33 1.49 16.83
N HIS B 128 -15.70 2.74 16.65
CA HIS B 128 -14.97 3.67 15.80
C HIS B 128 -15.36 5.10 16.14
N ASN B 129 -14.39 6.00 16.18
CA ASN B 129 -14.68 7.40 16.47
C ASN B 129 -15.52 7.56 17.74
N ASN B 130 -15.30 6.66 18.69
CA ASN B 130 -16.00 6.72 19.96
C ASN B 130 -17.50 6.46 19.86
N VAL B 131 -17.91 5.77 18.79
CA VAL B 131 -19.28 5.29 18.68
C VAL B 131 -19.27 3.78 18.84
N GLU B 132 -20.13 3.28 19.72
CA GLU B 132 -20.20 1.85 20.03
C GLU B 132 -21.44 1.21 19.40
N LYS B 133 -21.25 0.01 18.84
CA LYS B 133 -22.37 -0.77 18.30
C LYS B 133 -22.35 -2.18 18.87
N THR B 134 -23.45 -2.57 19.50
CA THR B 134 -23.55 -3.89 20.12
C THR B 134 -23.53 -5.01 19.10
N LEU B 135 -22.80 -6.07 19.42
CA LEU B 135 -22.76 -7.26 18.56
C LEU B 135 -23.31 -8.50 19.28
N PRO B 136 -23.72 -9.52 18.51
CA PRO B 136 -24.21 -10.79 19.02
C PRO B 136 -23.08 -11.60 19.63
N SER B 137 -23.33 -12.28 20.73
CA SER B 137 -22.28 -13.12 21.32
C SER B 137 -21.93 -14.28 20.40
N THR B 138 -20.88 -15.01 20.76
CA THR B 138 -20.45 -16.15 19.96
C THR B 138 -19.54 -17.03 20.79
N LYS B 139 -19.67 -18.35 20.61
CA LYS B 139 -18.82 -19.29 21.30
C LYS B 139 -17.40 -19.23 20.73
N ALA B 140 -17.27 -18.57 19.58
CA ALA B 140 -15.99 -18.48 18.89
C ALA B 140 -14.95 -17.75 19.73
N THR B 141 -13.75 -18.30 19.81
CA THR B 141 -12.65 -17.68 20.54
C THR B 141 -11.58 -17.15 19.59
N ARG B 142 -11.93 -17.13 18.30
CA ARG B 142 -11.02 -16.62 17.28
C ARG B 142 -11.73 -15.58 16.43
N VAL B 143 -11.01 -14.51 16.09
CA VAL B 143 -11.55 -13.48 15.21
C VAL B 143 -10.67 -13.33 13.98
N GLY B 144 -11.31 -13.12 12.84
CA GLY B 144 -10.59 -12.93 11.59
C GLY B 144 -10.81 -11.52 11.08
N VAL B 145 -9.77 -10.93 10.52
CA VAL B 145 -9.85 -9.55 10.02
C VAL B 145 -9.55 -9.51 8.53
N LEU B 146 -10.55 -9.14 7.74
CA LEU B 146 -10.35 -8.99 6.31
C LEU B 146 -10.24 -7.51 6.00
N LEU B 147 -9.05 -7.08 5.59
CA LEU B 147 -8.82 -5.68 5.28
C LEU B 147 -8.67 -5.51 3.77
N ASN B 148 -9.63 -4.82 3.15
CA ASN B 148 -9.53 -4.54 1.72
C ASN B 148 -9.19 -3.07 1.52
N CYS B 149 -7.89 -2.79 1.37
CA CYS B 149 -7.44 -1.41 1.19
C CYS B 149 -7.91 -0.84 -0.14
N ASP B 150 -7.95 -1.70 -1.16
CA ASP B 150 -8.27 -1.26 -2.51
C ASP B 150 -9.69 -0.74 -2.66
N HIS B 151 -10.65 -1.46 -2.10
CA HIS B 151 -12.05 -1.07 -2.22
C HIS B 151 -12.59 -0.42 -0.94
N GLY B 152 -11.72 -0.29 0.05
CA GLY B 152 -12.03 0.50 1.23
C GLY B 152 -13.07 -0.06 2.16
N PHE B 153 -12.75 -1.20 2.77
CA PHE B 153 -13.54 -1.70 3.87
C PHE B 153 -12.73 -2.65 4.73
N VAL B 154 -13.18 -2.85 5.97
CA VAL B 154 -12.63 -3.87 6.85
C VAL B 154 -13.78 -4.72 7.38
N ILE B 155 -13.58 -6.03 7.44
CA ILE B 155 -14.60 -6.92 7.99
C ILE B 155 -14.05 -7.74 9.15
N PHE B 156 -14.85 -7.85 10.20
CA PHE B 156 -14.51 -8.66 11.37
C PHE B 156 -15.40 -9.90 11.43
N PHE B 157 -14.77 -11.06 11.28
CA PHE B 157 -15.47 -12.34 11.33
C PHE B 157 -15.28 -13.04 12.67
N ALA B 158 -16.31 -13.75 13.13
CA ALA B 158 -16.17 -14.70 14.23
C ALA B 158 -15.78 -16.04 13.61
N VAL B 159 -14.67 -16.61 14.07
CA VAL B 159 -14.16 -17.82 13.44
C VAL B 159 -14.30 -19.06 14.33
N THR B 160 -14.99 -20.05 13.80
CA THR B 160 -15.06 -21.38 14.40
C THR B 160 -14.52 -22.32 13.34
N GLU B 161 -15.31 -23.30 12.96
CA GLU B 161 -15.02 -24.08 11.77
C GLU B 161 -15.35 -23.18 10.58
N LYS B 162 -16.43 -22.43 10.72
CA LYS B 162 -16.89 -21.52 9.68
C LYS B 162 -16.65 -20.06 10.05
N VAL B 163 -16.82 -19.16 9.09
CA VAL B 163 -16.77 -17.73 9.38
C VAL B 163 -18.19 -17.15 9.43
N HIS B 164 -18.43 -16.34 10.45
CA HIS B 164 -19.71 -15.66 10.61
C HIS B 164 -19.45 -14.18 10.88
N LEU B 165 -20.12 -13.31 10.13
CA LEU B 165 -19.86 -11.88 10.23
C LEU B 165 -20.12 -11.36 11.65
N MET B 166 -19.21 -10.51 12.11
CA MET B 166 -19.42 -9.77 13.35
C MET B 166 -19.82 -8.35 13.00
N TYR B 167 -19.02 -7.69 12.17
CA TYR B 167 -19.30 -6.33 11.75
C TYR B 167 -18.35 -5.88 10.65
N LYS B 168 -18.75 -4.86 9.91
CA LYS B 168 -17.91 -4.33 8.83
C LYS B 168 -17.97 -2.81 8.81
N PHE B 169 -16.89 -2.18 8.34
CA PHE B 169 -16.86 -0.73 8.16
C PHE B 169 -16.47 -0.40 6.72
N LYS B 170 -17.18 0.52 6.10
CA LYS B 170 -16.75 1.08 4.81
C LYS B 170 -15.99 2.39 5.06
N VAL B 171 -14.82 2.50 4.45
CA VAL B 171 -13.94 3.64 4.72
C VAL B 171 -13.04 3.91 3.53
N ASP B 172 -12.97 5.16 3.11
CA ASP B 172 -11.95 5.58 2.16
C ASP B 172 -10.68 5.87 2.94
N PHE B 173 -9.87 4.84 3.15
CA PHE B 173 -8.68 4.94 4.00
C PHE B 173 -7.69 6.01 3.53
N THR B 174 -7.21 6.82 4.47
CA THR B 174 -6.35 7.97 4.12
C THR B 174 -4.84 7.69 4.28
N GLU B 175 -4.49 6.58 4.93
CA GLU B 175 -3.11 6.14 5.02
C GLU B 175 -3.10 4.64 5.32
N ALA B 176 -1.92 4.06 5.42
CA ALA B 176 -1.78 2.63 5.68
C ALA B 176 -2.35 2.24 7.04
N LEU B 177 -2.87 1.00 7.14
CA LEU B 177 -3.44 0.48 8.38
C LEU B 177 -2.50 -0.50 9.06
N TYR B 178 -2.37 -0.40 10.38
CA TYR B 178 -1.72 -1.44 11.18
C TYR B 178 -2.76 -2.28 11.89
N PRO B 179 -2.51 -3.58 12.00
CA PRO B 179 -3.25 -4.41 12.95
C PRO B 179 -3.06 -3.83 14.36
N ALA B 180 -4.12 -3.80 15.14
CA ALA B 180 -4.05 -3.16 16.45
C ALA B 180 -4.71 -4.03 17.50
N PHE B 181 -4.23 -3.94 18.72
CA PHE B 181 -4.69 -4.83 19.79
C PHE B 181 -4.74 -4.13 21.14
N TRP B 182 -5.72 -4.54 21.94
CA TRP B 182 -5.87 -4.12 23.32
C TRP B 182 -6.01 -5.37 24.18
N VAL B 183 -5.31 -5.40 25.30
CA VAL B 183 -5.48 -6.48 26.27
C VAL B 183 -5.58 -5.87 27.66
N PHE B 184 -6.52 -6.39 28.46
CA PHE B 184 -6.78 -5.83 29.77
C PHE B 184 -7.09 -6.91 30.81
N SER B 185 -6.58 -6.71 32.03
CA SER B 185 -6.87 -7.58 33.17
C SER B 185 -5.98 -8.81 33.22
N ALA B 186 -5.48 -9.11 34.42
CA ALA B 186 -4.57 -10.22 34.64
C ALA B 186 -5.02 -11.49 33.92
N GLY B 187 -4.07 -12.20 33.32
CA GLY B 187 -4.35 -13.48 32.69
C GLY B 187 -4.85 -13.36 31.27
N THR B 188 -5.18 -12.14 30.86
CA THR B 188 -5.65 -11.92 29.49
C THR B 188 -4.54 -12.14 28.49
N THR B 189 -4.79 -12.98 27.49
CA THR B 189 -3.79 -13.27 26.48
C THR B 189 -4.44 -13.50 25.13
N LEU B 190 -3.70 -13.17 24.07
CA LEU B 190 -4.17 -13.52 22.74
C LEU B 190 -2.98 -13.77 21.83
N SER B 191 -3.20 -14.58 20.81
CA SER B 191 -2.13 -14.97 19.92
C SER B 191 -2.53 -14.85 18.46
N ILE B 192 -1.58 -14.45 17.64
CA ILE B 192 -1.75 -14.45 16.20
C ILE B 192 -1.73 -15.91 15.76
N CYS B 193 -2.82 -16.39 15.17
CA CYS B 193 -2.89 -17.79 14.74
C CYS B 193 -1.83 -18.11 13.69
CL CL C . -2.03 8.19 -1.60
CL CL D . 13.57 -6.14 -20.80
CL CL E . 5.89 25.27 -18.38
CL CL F . -8.57 16.45 -9.22
CL CL G . 16.07 4.62 -29.11
C1 EDO H . -2.65 4.56 -27.73
O1 EDO H . -3.78 4.63 -26.85
C2 EDO H . -1.44 4.10 -26.92
O2 EDO H . -1.80 2.97 -26.14
H11 EDO H . -2.46 5.54 -28.17
H12 EDO H . -2.85 3.86 -28.55
HO1 EDO H . -4.55 4.91 -27.34
H21 EDO H . -1.10 4.91 -26.27
H22 EDO H . -0.62 3.84 -27.59
HO2 EDO H . -1.04 2.67 -25.62
CL CL I . -6.06 0.41 28.86
#